data_3ITC
#
_entry.id   3ITC
#
_cell.length_a   97.287
_cell.length_b   97.287
_cell.length_c   104.411
_cell.angle_alpha   90.00
_cell.angle_beta   90.00
_cell.angle_gamma   120.00
#
_symmetry.space_group_name_H-M   'P 31 2 1'
#
loop_
_entity.id
_entity.type
_entity.pdbx_description
1 polymer 'renal dipeptidase'
2 non-polymer 'ZINC ION'
3 non-polymer 'CITRIC ACID'
4 non-polymer GLYCEROL
5 water water
#
_entity_poly.entity_id   1
_entity_poly.type   'polypeptide(L)'
_entity_poly.pdbx_seq_one_letter_code
;MTSLEKARELLREFPVVDGHNDLPWALREQVRYDLDARDIAADQSAHLHTDLARLRSGGVGAQYWSVYVRSDLPGAVTAT
LEQIDCVRRLIDRHPGELRAALTAADMEAARAEGRIASLMGAEGGHSIDNSLATLRALYALGVRYMTLTHNDNNAWADSA
TDEPGVGGLSAFGREVVREMNREGMLVDLSHVAATTMRDALDTSTAPVIFSHSSSRAVCDHPRNIPDDVLERLSANGGMA
MVTFVPKFVLQAAVDWTAEADDNMRAHGFHHLDSSPEAMKVHAAFEERVPRPVATVSTVADHLDHMREVAGVDHLGIGGD
YDGTPFTPDGLGDVSGYPNLIAELLDRGWSQSDLAKLTWKNAVRVLDAAEDVSRGLRAARGPSNATIEQLDGTAAEQPEG
;
_entity_poly.pdbx_strand_id   A
#
loop_
_chem_comp.id
_chem_comp.type
_chem_comp.name
_chem_comp.formula
CIT non-polymer 'CITRIC ACID' 'C6 H8 O7'
GOL non-polymer GLYCEROL 'C3 H8 O3'
ZN non-polymer 'ZINC ION' 'Zn 2'
#
# COMPACT_ATOMS: atom_id res chain seq x y z
N MET A 1 -10.52 5.59 31.20
CA MET A 1 -10.53 6.54 30.08
C MET A 1 -11.46 6.07 28.97
N THR A 2 -11.69 6.96 28.01
CA THR A 2 -12.47 6.45 26.87
C THR A 2 -11.59 5.51 26.05
N SER A 3 -12.23 4.83 25.10
CA SER A 3 -11.51 3.92 24.22
C SER A 3 -10.61 4.75 23.32
N LEU A 4 -11.08 5.95 22.97
CA LEU A 4 -10.22 6.82 22.15
C LEU A 4 -8.94 7.24 22.82
N GLU A 5 -9.02 7.51 24.12
CA GLU A 5 -8.03 7.97 25.03
C GLU A 5 -7.04 6.82 25.21
N LYS A 6 -7.63 5.63 25.39
CA LYS A 6 -6.81 4.43 25.50
C LYS A 6 -6.06 4.17 24.19
N ALA A 7 -6.75 4.29 23.06
CA ALA A 7 -6.13 4.11 21.75
C ALA A 7 -4.94 5.04 21.59
N ARG A 8 -5.12 6.30 22.00
CA ARG A 8 -4.00 7.22 21.86
C ARG A 8 -2.80 6.79 22.69
N GLU A 9 -3.11 6.30 23.88
CA GLU A 9 -1.99 5.88 24.74
C GLU A 9 -1.26 4.67 24.19
N LEU A 10 -2.02 3.74 23.64
CA LEU A 10 -1.42 2.56 23.01
C LEU A 10 -0.54 2.94 21.82
N LEU A 11 -1.02 3.92 21.04
CA LEU A 11 -0.27 4.34 19.86
C LEU A 11 0.98 5.11 20.24
N ARG A 12 1.02 5.69 21.43
CA ARG A 12 2.26 6.36 21.82
C ARG A 12 3.35 5.35 22.07
N GLU A 13 2.99 4.16 22.50
CA GLU A 13 4.01 3.14 22.75
C GLU A 13 4.35 2.30 21.52
N PHE A 14 3.35 1.96 20.74
CA PHE A 14 3.44 1.13 19.54
C PHE A 14 2.61 1.82 18.46
N PRO A 15 3.23 2.76 17.73
CA PRO A 15 2.52 3.53 16.71
C PRO A 15 2.26 2.77 15.41
N VAL A 16 1.50 3.44 14.55
CA VAL A 16 1.18 2.81 13.28
C VAL A 16 2.36 2.86 12.30
N VAL A 17 2.62 1.69 11.70
CA VAL A 17 3.42 1.53 10.51
C VAL A 17 2.40 1.51 9.35
N ASP A 18 2.28 2.61 8.60
CA ASP A 18 1.32 2.62 7.51
C ASP A 18 1.99 2.13 6.22
N GLY A 19 1.36 1.21 5.51
CA GLY A 19 2.03 0.58 4.39
C GLY A 19 1.99 1.26 3.06
N HIS A 20 1.17 2.30 2.91
CA HIS A 20 1.09 2.91 1.60
C HIS A 20 0.43 4.28 1.61
N ASN A 21 1.23 5.32 1.36
CA ASN A 21 0.71 6.67 1.23
C ASN A 21 1.24 7.33 -0.03
N ASP A 22 0.37 7.93 -0.85
CA ASP A 22 0.75 8.47 -2.16
C ASP A 22 1.02 9.97 -2.14
N LEU A 23 1.40 10.55 -0.97
CA LEU A 23 1.81 11.94 -0.95
C LEU A 23 2.80 12.34 -2.04
N PRO A 24 3.84 11.57 -2.37
CA PRO A 24 4.75 11.99 -3.46
C PRO A 24 4.02 12.21 -4.79
N TRP A 25 3.17 11.27 -5.19
CA TRP A 25 2.41 11.50 -6.43
C TRP A 25 1.50 12.71 -6.31
N ALA A 26 0.88 12.90 -5.15
CA ALA A 26 0.02 14.08 -5.05
C ALA A 26 0.85 15.36 -5.20
N LEU A 27 2.05 15.40 -4.63
CA LEU A 27 2.89 16.60 -4.78
C LEU A 27 3.32 16.81 -6.22
N ARG A 28 3.62 15.72 -6.94
CA ARG A 28 3.96 15.76 -8.35
C ARG A 28 2.80 16.39 -9.14
N GLU A 29 1.59 15.90 -8.89
CA GLU A 29 0.42 16.31 -9.68
C GLU A 29 -0.02 17.69 -9.27
N GLN A 30 -0.01 18.02 -7.97
CA GLN A 30 -0.54 19.34 -7.59
C GLN A 30 0.41 20.49 -7.87
N VAL A 31 1.68 20.32 -7.57
CA VAL A 31 2.65 21.40 -7.56
C VAL A 31 3.97 21.01 -8.21
N ARG A 32 4.04 19.90 -8.96
CA ARG A 32 5.25 19.38 -9.58
C ARG A 32 6.44 19.51 -8.65
N TYR A 33 6.23 19.04 -7.42
CA TYR A 33 7.29 18.92 -6.44
C TYR A 33 7.83 20.25 -5.92
N ASP A 34 7.04 21.32 -6.03
CA ASP A 34 7.45 22.56 -5.36
C ASP A 34 7.02 22.44 -3.91
N LEU A 35 7.93 21.93 -3.07
CA LEU A 35 7.53 21.56 -1.72
C LEU A 35 7.13 22.71 -0.82
N ASP A 36 7.64 23.89 -1.04
CA ASP A 36 7.18 25.06 -0.30
C ASP A 36 5.73 25.39 -0.57
N ALA A 37 5.17 24.98 -1.71
CA ALA A 37 3.76 25.25 -1.99
C ALA A 37 2.78 24.32 -1.29
N ARG A 38 3.30 23.24 -0.70
CA ARG A 38 2.49 22.28 0.07
C ARG A 38 3.27 21.88 1.30
N ASP A 39 3.83 22.84 2.00
CA ASP A 39 4.78 22.55 3.08
C ASP A 39 4.12 21.71 4.16
N ILE A 40 4.64 20.50 4.42
CA ILE A 40 3.89 19.67 5.39
C ILE A 40 4.15 20.00 6.84
N ALA A 41 5.03 21.00 7.05
CA ALA A 41 5.20 21.51 8.41
C ALA A 41 4.10 22.53 8.69
N ALA A 42 3.25 22.76 7.70
CA ALA A 42 2.05 23.57 7.79
C ALA A 42 0.81 22.71 7.57
N ASP A 43 -0.35 23.30 7.89
CA ASP A 43 -1.62 22.63 7.67
C ASP A 43 -2.00 22.61 6.20
N GLN A 44 -2.04 21.39 5.65
CA GLN A 44 -2.35 21.17 4.25
C GLN A 44 -3.72 20.54 4.06
N SER A 45 -4.58 20.68 5.08
CA SER A 45 -5.88 20.02 5.04
C SER A 45 -6.75 20.47 3.88
N ALA A 46 -6.52 21.65 3.30
CA ALA A 46 -7.29 22.05 2.13
C ALA A 46 -6.93 21.29 0.86
N HIS A 47 -5.79 20.64 0.80
CA HIS A 47 -5.24 20.04 -0.39
C HIS A 47 -4.90 18.55 -0.32
N LEU A 48 -4.56 18.07 0.87
CA LEU A 48 -3.94 16.77 1.09
C LEU A 48 -4.47 16.06 2.33
N HIS A 49 -4.41 14.72 2.30
CA HIS A 49 -4.73 13.91 3.46
C HIS A 49 -3.60 13.96 4.50
N THR A 50 -2.42 14.32 4.06
CA THR A 50 -1.24 14.28 4.90
C THR A 50 -0.55 15.60 5.21
N ASP A 51 -0.17 15.78 6.47
CA ASP A 51 0.89 16.71 6.80
C ASP A 51 1.48 16.26 8.14
N LEU A 52 2.54 16.91 8.60
CA LEU A 52 3.26 16.38 9.78
C LEU A 52 2.39 16.40 11.02
N ALA A 53 1.60 17.46 11.23
CA ALA A 53 0.83 17.53 12.46
C ALA A 53 -0.26 16.48 12.51
N ARG A 54 -0.88 16.21 11.37
CA ARG A 54 -1.92 15.18 11.33
C ARG A 54 -1.32 13.80 11.44
N LEU A 55 -0.12 13.55 10.93
CA LEU A 55 0.51 12.26 11.16
C LEU A 55 0.76 12.01 12.64
N ARG A 56 1.24 13.05 13.34
CA ARG A 56 1.42 12.92 14.80
C ARG A 56 0.12 12.67 15.52
N SER A 57 -0.89 13.46 15.17
CA SER A 57 -2.20 13.29 15.79
C SER A 57 -2.76 11.89 15.55
N GLY A 58 -2.45 11.33 14.40
CA GLY A 58 -2.86 10.02 13.98
C GLY A 58 -2.12 8.86 14.57
N GLY A 59 -0.99 9.12 15.23
CA GLY A 59 -0.25 8.06 15.85
C GLY A 59 0.61 7.28 14.84
N VAL A 60 0.98 7.95 13.75
CA VAL A 60 1.83 7.29 12.76
C VAL A 60 3.30 7.36 13.16
N GLY A 61 3.94 6.22 13.28
CA GLY A 61 5.33 6.13 13.66
C GLY A 61 6.30 5.72 12.60
N ALA A 62 5.78 5.18 11.51
CA ALA A 62 6.51 4.86 10.33
C ALA A 62 5.56 4.87 9.12
N GLN A 63 6.15 5.28 8.00
CA GLN A 63 5.40 5.42 6.75
C GLN A 63 6.20 4.88 5.58
N TYR A 64 5.57 3.95 4.86
CA TYR A 64 6.05 3.60 3.54
C TYR A 64 5.46 4.64 2.58
N TRP A 65 6.35 5.49 2.10
CA TRP A 65 6.02 6.48 1.11
C TRP A 65 6.04 5.82 -0.26
N SER A 66 4.92 5.88 -0.95
CA SER A 66 4.82 5.30 -2.29
C SER A 66 5.55 6.16 -3.32
N VAL A 67 6.33 5.50 -4.18
CA VAL A 67 7.01 6.19 -5.29
C VAL A 67 6.47 5.74 -6.63
N TYR A 68 5.19 5.48 -6.65
CA TYR A 68 4.23 5.22 -7.69
C TYR A 68 4.52 6.13 -8.87
N VAL A 69 4.40 5.57 -10.06
CA VAL A 69 4.35 6.30 -11.30
C VAL A 69 3.33 5.63 -12.23
N ARG A 70 2.86 6.39 -13.24
CA ARG A 70 1.87 5.77 -14.13
C ARG A 70 2.45 4.70 -15.03
N SER A 71 1.58 3.71 -15.34
CA SER A 71 2.06 2.62 -16.18
C SER A 71 1.63 2.81 -17.62
N ASP A 72 1.04 3.94 -17.93
CA ASP A 72 0.56 4.20 -19.30
C ASP A 72 1.31 5.31 -20.00
N LEU A 73 2.49 5.65 -19.48
CA LEU A 73 3.24 6.75 -20.07
C LEU A 73 4.70 6.36 -20.21
N PRO A 74 5.38 6.95 -21.17
CA PRO A 74 6.80 6.62 -21.29
C PRO A 74 7.55 7.25 -20.12
N GLY A 75 8.77 6.78 -19.93
CA GLY A 75 9.71 7.34 -18.98
C GLY A 75 9.38 7.02 -17.53
N ALA A 76 8.84 5.81 -17.29
CA ALA A 76 8.51 5.41 -15.94
C ALA A 76 9.72 5.36 -15.00
N VAL A 77 10.90 5.01 -15.51
CA VAL A 77 12.07 4.92 -14.62
C VAL A 77 12.44 6.32 -14.19
N THR A 78 12.56 7.25 -15.15
CA THR A 78 12.83 8.64 -14.78
C THR A 78 11.87 9.15 -13.74
N ALA A 79 10.56 8.93 -13.95
CA ALA A 79 9.58 9.44 -13.01
C ALA A 79 9.73 8.75 -11.65
N THR A 80 10.12 7.48 -11.65
CA THR A 80 10.32 6.79 -10.35
C THR A 80 11.45 7.45 -9.57
N LEU A 81 12.53 7.83 -10.29
CA LEU A 81 13.66 8.50 -9.64
C LEU A 81 13.23 9.86 -9.12
N GLU A 82 12.30 10.52 -9.80
CA GLU A 82 11.80 11.81 -9.37
C GLU A 82 10.94 11.65 -8.13
N GLN A 83 10.19 10.54 -8.08
CA GLN A 83 9.39 10.24 -6.88
C GLN A 83 10.26 9.99 -5.67
N ILE A 84 11.31 9.20 -5.86
CA ILE A 84 12.26 8.93 -4.79
C ILE A 84 12.94 10.21 -4.34
N ASP A 85 13.33 11.04 -5.31
CA ASP A 85 13.95 12.33 -4.96
C ASP A 85 13.01 13.18 -4.12
N CYS A 86 11.71 13.15 -4.42
CA CYS A 86 10.69 13.84 -3.64
C CYS A 86 10.71 13.38 -2.20
N VAL A 87 10.72 12.07 -2.00
CA VAL A 87 10.76 11.60 -0.61
C VAL A 87 12.05 12.02 0.10
N ARG A 88 13.20 11.87 -0.53
CA ARG A 88 14.46 12.28 0.05
C ARG A 88 14.45 13.75 0.46
N ARG A 89 13.91 14.59 -0.42
CA ARG A 89 13.85 16.02 -0.12
C ARG A 89 12.92 16.29 1.05
N LEU A 90 11.81 15.55 1.11
CA LEU A 90 10.94 15.74 2.30
C LEU A 90 11.67 15.40 3.58
N ILE A 91 12.40 14.28 3.58
CA ILE A 91 13.12 13.88 4.79
C ILE A 91 14.13 14.98 5.14
N ASP A 92 14.84 15.46 4.11
CA ASP A 92 15.85 16.49 4.36
C ASP A 92 15.28 17.81 4.83
N ARG A 93 14.09 18.18 4.40
CA ARG A 93 13.44 19.41 4.88
C ARG A 93 12.89 19.30 6.30
N HIS A 94 12.57 18.11 6.80
CA HIS A 94 11.91 17.97 8.09
C HIS A 94 12.61 16.98 9.01
N PRO A 95 13.88 17.20 9.30
CA PRO A 95 14.67 16.25 10.11
C PRO A 95 14.23 16.18 11.56
N GLY A 96 13.55 17.21 12.02
CA GLY A 96 12.97 17.13 13.35
C GLY A 96 11.89 16.10 13.48
N GLU A 97 11.19 15.79 12.37
CA GLU A 97 10.00 14.93 12.46
C GLU A 97 10.17 13.61 11.70
N LEU A 98 11.03 13.61 10.68
CA LEU A 98 11.19 12.46 9.82
C LEU A 98 12.62 11.92 9.84
N ARG A 99 12.74 10.59 9.74
CA ARG A 99 14.02 9.91 9.77
C ARG A 99 14.05 8.89 8.62
N ALA A 100 15.01 8.94 7.73
CA ALA A 100 15.06 7.89 6.69
C ALA A 100 15.27 6.55 7.37
N ALA A 101 14.55 5.55 6.88
CA ALA A 101 14.70 4.20 7.34
C ALA A 101 14.84 3.21 6.18
N LEU A 102 15.86 2.36 6.33
CA LEU A 102 16.15 1.32 5.36
C LEU A 102 15.96 -0.08 5.92
N THR A 103 15.94 -0.19 7.24
CA THR A 103 15.94 -1.50 7.90
C THR A 103 15.00 -1.48 9.09
N ALA A 104 14.72 -2.67 9.60
CA ALA A 104 13.90 -2.82 10.78
C ALA A 104 14.56 -2.14 11.98
N ALA A 105 15.89 -2.26 12.04
CA ALA A 105 16.56 -1.55 13.12
C ALA A 105 16.38 -0.05 13.03
N ASP A 106 16.26 0.63 11.93
CA ASP A 106 16.12 2.02 11.64
C ASP A 106 14.73 2.39 12.14
N MET A 107 13.78 1.46 11.92
CA MET A 107 12.43 1.75 12.35
C MET A 107 12.41 1.88 13.86
N GLU A 108 13.12 0.96 14.53
CA GLU A 108 13.11 1.00 16.00
C GLU A 108 13.89 2.21 16.52
N ALA A 109 14.96 2.55 15.77
CA ALA A 109 15.70 3.75 16.13
C ALA A 109 14.84 4.98 16.08
N ALA A 110 14.04 5.10 15.01
CA ALA A 110 13.11 6.20 14.89
C ALA A 110 12.08 6.21 16.01
N ARG A 111 11.51 5.06 16.37
CA ARG A 111 10.54 5.02 17.43
C ARG A 111 11.16 5.50 18.74
N ALA A 112 12.41 5.08 18.95
CA ALA A 112 13.10 5.47 20.18
C ALA A 112 13.29 6.98 20.25
N GLU A 113 13.59 7.61 19.13
CA GLU A 113 13.83 9.03 18.99
C GLU A 113 12.55 9.86 18.92
N GLY A 114 11.44 9.25 18.61
CA GLY A 114 10.22 10.00 18.36
C GLY A 114 10.10 10.65 17.00
N ARG A 115 10.79 10.11 16.01
CA ARG A 115 10.68 10.55 14.64
C ARG A 115 9.94 9.52 13.81
N ILE A 116 9.33 9.98 12.73
CA ILE A 116 8.58 9.07 11.85
C ILE A 116 9.51 8.40 10.84
N ALA A 117 9.66 7.09 10.98
CA ALA A 117 10.52 6.31 10.09
C ALA A 117 9.97 6.42 8.67
N SER A 118 10.81 6.85 7.73
CA SER A 118 10.34 7.15 6.40
C SER A 118 10.97 6.17 5.42
N LEU A 119 10.17 5.24 4.92
CA LEU A 119 10.61 4.20 4.00
C LEU A 119 9.98 4.48 2.62
N MET A 120 10.41 3.69 1.63
CA MET A 120 9.86 3.80 0.27
C MET A 120 9.39 2.45 -0.27
N GLY A 121 8.28 2.51 -1.01
CA GLY A 121 7.75 1.36 -1.72
C GLY A 121 7.39 1.75 -3.14
N ALA A 122 7.88 1.03 -4.13
CA ALA A 122 7.56 1.30 -5.53
C ALA A 122 6.21 0.60 -5.83
N GLU A 123 5.35 1.22 -6.61
CA GLU A 123 3.99 0.75 -6.88
C GLU A 123 3.85 0.35 -8.34
N GLY A 124 4.33 -0.86 -8.64
CA GLY A 124 4.17 -1.45 -9.97
C GLY A 124 5.47 -1.85 -10.62
N GLY A 125 5.56 -3.06 -11.15
CA GLY A 125 6.76 -3.60 -11.73
C GLY A 125 7.27 -2.83 -12.94
N HIS A 126 6.39 -2.04 -13.56
CA HIS A 126 6.78 -1.20 -14.71
C HIS A 126 7.87 -0.21 -14.34
N SER A 127 8.01 0.08 -13.03
CA SER A 127 9.06 0.93 -12.52
C SER A 127 10.46 0.37 -12.77
N ILE A 128 10.60 -0.91 -13.08
CA ILE A 128 11.92 -1.47 -13.35
C ILE A 128 12.17 -1.71 -14.84
N ASP A 129 11.23 -1.45 -15.74
CA ASP A 129 11.44 -1.53 -17.17
C ASP A 129 12.09 -2.84 -17.58
N ASN A 130 11.57 -3.94 -17.03
CA ASN A 130 11.98 -5.30 -17.33
C ASN A 130 13.45 -5.56 -17.11
N SER A 131 14.08 -4.83 -16.19
CA SER A 131 15.51 -4.87 -15.97
C SER A 131 15.85 -5.21 -14.52
N LEU A 132 16.50 -6.34 -14.26
CA LEU A 132 16.84 -6.73 -12.88
C LEU A 132 17.89 -5.82 -12.27
N ALA A 133 18.79 -5.32 -13.12
CA ALA A 133 19.74 -4.32 -12.62
C ALA A 133 19.06 -3.07 -12.13
N THR A 134 17.98 -2.63 -12.72
CA THR A 134 17.17 -1.46 -12.41
C THR A 134 16.47 -1.75 -11.09
N LEU A 135 16.00 -2.98 -10.94
CA LEU A 135 15.46 -3.38 -9.61
C LEU A 135 16.53 -3.21 -8.54
N ARG A 136 17.75 -3.64 -8.86
CA ARG A 136 18.86 -3.53 -7.90
C ARG A 136 19.20 -2.06 -7.65
N ALA A 137 19.10 -1.24 -8.67
CA ALA A 137 19.33 0.20 -8.47
C ALA A 137 18.25 0.82 -7.58
N LEU A 138 16.97 0.45 -7.75
CA LEU A 138 15.94 0.97 -6.90
C LEU A 138 16.18 0.55 -5.45
N TYR A 139 16.59 -0.68 -5.20
CA TYR A 139 16.97 -1.08 -3.83
C TYR A 139 18.08 -0.19 -3.29
N ALA A 140 19.08 0.07 -4.11
CA ALA A 140 20.24 0.86 -3.69
C ALA A 140 19.83 2.26 -3.26
N LEU A 141 18.81 2.77 -3.95
CA LEU A 141 18.30 4.10 -3.65
C LEU A 141 17.36 4.12 -2.46
N GLY A 142 17.00 2.96 -1.92
CA GLY A 142 16.23 2.90 -0.70
C GLY A 142 14.87 2.25 -0.79
N VAL A 143 14.47 1.79 -1.96
CA VAL A 143 13.15 1.17 -2.10
C VAL A 143 13.13 -0.17 -1.38
N ARG A 144 12.12 -0.40 -0.54
CA ARG A 144 12.11 -1.60 0.28
C ARG A 144 10.88 -2.48 0.08
N TYR A 145 9.94 -2.07 -0.77
CA TYR A 145 8.98 -3.01 -1.34
C TYR A 145 8.69 -2.65 -2.80
N MET A 146 8.17 -3.58 -3.59
CA MET A 146 7.64 -3.22 -4.90
C MET A 146 6.35 -3.99 -5.11
N THR A 147 5.31 -3.24 -5.42
CA THR A 147 4.01 -3.79 -5.78
C THR A 147 4.19 -4.40 -7.18
N LEU A 148 3.81 -5.66 -7.43
CA LEU A 148 4.28 -6.23 -8.68
C LEU A 148 3.60 -5.64 -9.91
N THR A 149 2.35 -5.22 -9.78
CA THR A 149 1.70 -4.41 -10.79
C THR A 149 1.02 -3.23 -10.16
N HIS A 150 0.62 -2.28 -11.01
CA HIS A 150 -0.44 -1.36 -10.60
C HIS A 150 -1.73 -1.82 -11.28
N ASN A 151 -2.49 -0.97 -11.92
CA ASN A 151 -3.82 -1.34 -12.44
C ASN A 151 -3.86 -2.05 -13.78
N ASP A 152 -2.71 -2.05 -14.41
CA ASP A 152 -2.49 -2.71 -15.68
C ASP A 152 -1.54 -3.89 -15.54
N ASN A 153 -1.77 -4.93 -16.34
CA ASN A 153 -0.71 -5.92 -16.50
C ASN A 153 0.60 -5.30 -16.93
N ASN A 154 1.68 -5.97 -16.56
CA ASN A 154 2.96 -5.66 -17.21
C ASN A 154 3.38 -6.94 -17.93
N ALA A 155 4.56 -6.99 -18.54
CA ALA A 155 4.92 -8.13 -19.37
C ALA A 155 5.04 -9.45 -18.64
N TRP A 156 5.23 -9.41 -17.32
CA TRP A 156 5.59 -10.58 -16.53
C TRP A 156 4.69 -10.85 -15.33
N ALA A 157 3.64 -10.03 -15.13
CA ALA A 157 2.69 -10.19 -14.05
C ALA A 157 1.31 -9.61 -14.38
N ASP A 158 0.28 -10.30 -13.90
CA ASP A 158 -1.09 -9.91 -14.14
C ASP A 158 -1.68 -9.09 -13.00
N SER A 159 -2.41 -8.04 -13.37
CA SER A 159 -3.03 -7.10 -12.45
C SER A 159 -4.45 -7.46 -12.10
N ALA A 160 -4.96 -7.12 -10.92
CA ALA A 160 -6.33 -7.45 -10.53
C ALA A 160 -7.42 -6.79 -11.36
N THR A 161 -7.12 -5.66 -11.90
CA THR A 161 -7.94 -4.71 -12.65
C THR A 161 -7.62 -4.71 -14.13
N ASP A 162 -7.15 -5.84 -14.64
CA ASP A 162 -6.95 -5.98 -16.10
C ASP A 162 -7.41 -7.38 -16.48
N GLU A 163 -7.37 -7.66 -17.79
CA GLU A 163 -7.72 -9.04 -18.15
C GLU A 163 -6.57 -9.99 -17.94
N PRO A 164 -6.80 -11.30 -17.92
CA PRO A 164 -5.69 -12.23 -17.77
C PRO A 164 -4.65 -12.04 -18.86
N GLY A 165 -3.38 -12.20 -18.49
CA GLY A 165 -2.27 -11.97 -19.40
C GLY A 165 -1.40 -13.20 -19.49
N VAL A 166 -0.45 -13.28 -18.57
CA VAL A 166 0.45 -14.40 -18.51
C VAL A 166 -0.04 -15.49 -17.58
N GLY A 167 -1.15 -15.26 -16.87
CA GLY A 167 -1.68 -16.29 -15.99
C GLY A 167 -1.22 -16.21 -14.56
N GLY A 168 -0.70 -15.06 -14.17
CA GLY A 168 -0.12 -14.87 -12.82
C GLY A 168 1.26 -14.23 -13.02
N LEU A 169 2.31 -14.96 -12.74
CA LEU A 169 3.70 -14.58 -13.00
C LEU A 169 4.21 -15.41 -14.17
N SER A 170 4.91 -14.75 -15.10
CA SER A 170 5.66 -15.50 -16.10
C SER A 170 6.97 -16.00 -15.51
N ALA A 171 7.75 -16.68 -16.37
CA ALA A 171 9.06 -17.13 -15.90
C ALA A 171 9.92 -15.95 -15.44
N PHE A 172 9.90 -14.88 -16.21
CA PHE A 172 10.65 -13.70 -15.79
C PHE A 172 10.08 -13.13 -14.49
N GLY A 173 8.80 -13.10 -14.28
CA GLY A 173 8.05 -12.66 -13.13
C GLY A 173 8.60 -13.44 -11.94
N ARG A 174 8.74 -14.76 -12.10
CA ARG A 174 9.30 -15.51 -10.98
C ARG A 174 10.73 -15.12 -10.69
N GLU A 175 11.50 -14.79 -11.73
CA GLU A 175 12.90 -14.37 -11.54
C GLU A 175 12.93 -13.03 -10.80
N VAL A 176 11.99 -12.15 -11.07
CA VAL A 176 11.89 -10.85 -10.37
C VAL A 176 11.66 -11.13 -8.87
N VAL A 177 10.71 -12.02 -8.54
CA VAL A 177 10.49 -12.36 -7.13
C VAL A 177 11.75 -12.91 -6.50
N ARG A 178 12.46 -13.85 -7.16
CA ARG A 178 13.69 -14.39 -6.58
C ARG A 178 14.74 -13.32 -6.34
N GLU A 179 14.90 -12.37 -7.27
CA GLU A 179 15.85 -11.28 -7.06
C GLU A 179 15.40 -10.34 -5.96
N MET A 180 14.11 -10.02 -5.85
CA MET A 180 13.63 -9.28 -4.70
C MET A 180 14.00 -9.98 -3.39
N ASN A 181 13.83 -11.28 -3.35
CA ASN A 181 14.24 -12.06 -2.17
C ASN A 181 15.71 -11.92 -1.88
N ARG A 182 16.53 -12.02 -2.91
CA ARG A 182 17.96 -11.90 -2.69
C ARG A 182 18.34 -10.49 -2.22
N GLU A 183 17.66 -9.47 -2.74
CA GLU A 183 18.02 -8.10 -2.34
C GLU A 183 17.51 -7.77 -0.95
N GLY A 184 16.43 -8.41 -0.56
CA GLY A 184 15.73 -8.00 0.62
C GLY A 184 14.64 -6.98 0.38
N MET A 185 14.10 -6.92 -0.83
CA MET A 185 12.94 -6.06 -1.11
C MET A 185 11.65 -6.85 -0.93
N LEU A 186 10.72 -6.34 -0.16
CA LEU A 186 9.46 -7.05 0.08
C LEU A 186 8.61 -7.08 -1.20
N VAL A 187 8.07 -8.26 -1.44
CA VAL A 187 7.12 -8.48 -2.53
C VAL A 187 5.75 -7.99 -2.10
N ASP A 188 5.14 -7.02 -2.80
CA ASP A 188 3.86 -6.45 -2.43
C ASP A 188 2.84 -6.93 -3.46
N LEU A 189 1.80 -7.56 -2.93
CA LEU A 189 0.77 -8.19 -3.77
C LEU A 189 -0.53 -7.45 -3.76
N SER A 190 -0.56 -6.23 -3.24
CA SER A 190 -1.67 -5.35 -3.54
C SER A 190 -1.71 -5.16 -5.07
N HIS A 191 -2.85 -4.84 -5.64
CA HIS A 191 -3.08 -4.56 -7.07
C HIS A 191 -2.95 -5.76 -7.97
N VAL A 192 -2.39 -6.88 -7.57
CA VAL A 192 -2.19 -7.96 -8.53
C VAL A 192 -3.36 -8.94 -8.50
N ALA A 193 -3.45 -9.67 -9.61
CA ALA A 193 -4.48 -10.71 -9.71
C ALA A 193 -4.31 -11.81 -8.70
N ALA A 194 -5.40 -12.51 -8.34
CA ALA A 194 -5.25 -13.65 -7.43
C ALA A 194 -4.31 -14.72 -7.95
N THR A 195 -4.26 -14.92 -9.28
CA THR A 195 -3.32 -15.87 -9.83
C THR A 195 -1.88 -15.48 -9.49
N THR A 196 -1.61 -14.21 -9.72
CA THR A 196 -0.32 -13.58 -9.37
C THR A 196 -0.01 -13.74 -7.89
N MET A 197 -1.00 -13.56 -7.02
CA MET A 197 -0.78 -13.77 -5.59
C MET A 197 -0.29 -15.17 -5.28
N ARG A 198 -1.00 -16.16 -5.86
CA ARG A 198 -0.65 -17.55 -5.58
C ARG A 198 0.72 -17.90 -6.18
N ASP A 199 1.00 -17.45 -7.41
CA ASP A 199 2.31 -17.71 -7.97
C ASP A 199 3.43 -17.05 -7.17
N ALA A 200 3.21 -15.86 -6.64
CA ALA A 200 4.23 -15.21 -5.82
C ALA A 200 4.47 -15.97 -4.54
N LEU A 201 3.38 -16.44 -3.91
CA LEU A 201 3.47 -17.17 -2.66
C LEU A 201 4.15 -18.51 -2.91
N ASP A 202 3.98 -19.11 -4.09
CA ASP A 202 4.69 -20.34 -4.43
C ASP A 202 6.20 -20.09 -4.52
N THR A 203 6.55 -18.93 -5.08
CA THR A 203 7.92 -18.68 -5.46
C THR A 203 8.74 -18.09 -4.35
N SER A 204 8.10 -17.18 -3.61
CA SER A 204 8.86 -16.41 -2.61
C SER A 204 9.39 -17.22 -1.44
N THR A 205 10.66 -16.98 -1.09
CA THR A 205 11.19 -17.58 0.14
C THR A 205 11.24 -16.60 1.31
N ALA A 206 10.69 -15.41 1.12
CA ALA A 206 10.54 -14.41 2.14
C ALA A 206 9.07 -14.06 2.37
N PRO A 207 8.73 -13.62 3.57
CA PRO A 207 7.36 -13.16 3.81
C PRO A 207 7.01 -12.08 2.80
N VAL A 208 5.77 -12.10 2.31
CA VAL A 208 5.24 -11.12 1.38
C VAL A 208 4.30 -10.17 2.09
N ILE A 209 3.98 -9.04 1.47
CA ILE A 209 3.00 -8.12 2.04
C ILE A 209 1.90 -7.80 1.03
N PHE A 210 0.80 -7.30 1.54
CA PHE A 210 -0.17 -6.53 0.78
C PHE A 210 -0.13 -5.13 1.43
N SER A 211 0.41 -4.11 0.72
CA SER A 211 0.61 -2.84 1.37
C SER A 211 -0.69 -2.04 1.55
N HIS A 212 -1.72 -2.39 0.79
CA HIS A 212 -3.02 -1.75 0.92
C HIS A 212 -4.08 -2.61 0.23
N SER A 213 -4.56 -3.65 0.90
CA SER A 213 -5.66 -4.46 0.39
C SER A 213 -6.54 -4.90 1.56
N SER A 214 -7.81 -5.08 1.24
CA SER A 214 -8.69 -5.61 2.31
C SER A 214 -9.15 -6.99 1.90
N SER A 215 -10.24 -7.54 2.36
CA SER A 215 -10.82 -8.85 2.39
C SER A 215 -11.95 -9.00 1.35
N ARG A 216 -11.70 -9.91 0.42
N ARG A 216 -11.70 -9.87 0.39
CA ARG A 216 -12.62 -10.14 -0.70
CA ARG A 216 -12.67 -10.08 -0.69
C ARG A 216 -13.86 -10.88 -0.22
C ARG A 216 -13.91 -10.73 -0.10
N ALA A 217 -13.73 -11.62 0.88
CA ALA A 217 -14.92 -12.26 1.45
C ALA A 217 -15.89 -11.23 2.01
N VAL A 218 -15.39 -10.14 2.58
CA VAL A 218 -16.24 -9.09 3.12
C VAL A 218 -16.73 -8.11 2.08
N CYS A 219 -15.88 -7.73 1.13
CA CYS A 219 -16.26 -6.82 0.05
C CYS A 219 -15.72 -7.36 -1.24
N ASP A 220 -16.55 -7.83 -2.16
CA ASP A 220 -16.07 -8.56 -3.34
C ASP A 220 -15.58 -7.68 -4.48
N HIS A 221 -14.30 -7.31 -4.51
CA HIS A 221 -13.58 -6.53 -5.48
C HIS A 221 -12.24 -7.25 -5.70
N PRO A 222 -11.78 -7.38 -6.92
CA PRO A 222 -10.55 -8.13 -7.16
C PRO A 222 -9.32 -7.47 -6.57
N ARG A 223 -9.41 -6.30 -6.00
CA ARG A 223 -8.35 -5.52 -5.40
C ARG A 223 -8.17 -6.07 -3.99
N ASN A 224 -9.14 -6.83 -3.52
CA ASN A 224 -9.11 -7.40 -2.19
C ASN A 224 -8.59 -8.82 -2.20
N ILE A 225 -8.32 -9.37 -1.00
CA ILE A 225 -7.63 -10.64 -0.93
C ILE A 225 -8.58 -11.81 -0.66
N PRO A 226 -8.55 -12.86 -1.46
CA PRO A 226 -9.40 -14.03 -1.17
C PRO A 226 -8.95 -14.77 0.07
N ASP A 227 -9.88 -15.45 0.74
CA ASP A 227 -9.55 -16.20 1.94
C ASP A 227 -8.50 -17.27 1.71
N ASP A 228 -8.45 -17.93 0.54
CA ASP A 228 -7.45 -18.99 0.35
C ASP A 228 -6.03 -18.40 0.38
N VAL A 229 -5.91 -17.17 -0.06
CA VAL A 229 -4.62 -16.48 -0.03
C VAL A 229 -4.31 -16.02 1.37
N LEU A 230 -5.32 -15.50 2.08
CA LEU A 230 -5.09 -15.12 3.46
C LEU A 230 -4.59 -16.30 4.27
N GLU A 231 -5.14 -17.48 3.99
CA GLU A 231 -4.78 -18.69 4.72
C GLU A 231 -3.33 -19.08 4.52
N ARG A 232 -2.80 -18.73 3.35
CA ARG A 232 -1.41 -19.06 3.05
C ARG A 232 -0.44 -18.09 3.74
N LEU A 233 -0.90 -16.97 4.30
CA LEU A 233 0.01 -16.01 4.89
C LEU A 233 0.71 -16.45 6.14
N SER A 234 0.07 -17.20 7.04
CA SER A 234 0.80 -17.61 8.23
C SER A 234 1.96 -18.51 7.86
N ALA A 235 1.71 -19.37 6.86
CA ALA A 235 2.81 -20.25 6.49
C ALA A 235 3.89 -19.42 5.84
N ASN A 236 3.49 -18.41 5.06
CA ASN A 236 4.49 -17.57 4.41
C ASN A 236 5.20 -16.60 5.37
N GLY A 237 4.51 -16.26 6.43
CA GLY A 237 5.01 -15.38 7.47
C GLY A 237 4.73 -13.91 7.18
N GLY A 238 4.04 -13.57 6.11
CA GLY A 238 3.81 -12.21 5.69
C GLY A 238 2.58 -11.57 6.32
N MET A 239 2.11 -10.48 5.69
CA MET A 239 1.05 -9.71 6.33
C MET A 239 0.24 -8.90 5.31
N ALA A 240 -1.04 -8.74 5.62
CA ALA A 240 -2.01 -7.98 4.84
C ALA A 240 -2.34 -6.68 5.55
N MET A 241 -2.06 -5.57 4.91
CA MET A 241 -2.25 -4.26 5.55
C MET A 241 -3.56 -3.71 5.00
N VAL A 242 -4.57 -3.73 5.85
CA VAL A 242 -5.92 -3.37 5.44
C VAL A 242 -5.96 -1.94 4.94
N THR A 243 -6.79 -1.70 3.92
CA THR A 243 -6.93 -0.35 3.36
C THR A 243 -8.35 0.18 3.57
N PHE A 244 -8.45 1.51 3.44
CA PHE A 244 -9.61 2.29 3.82
C PHE A 244 -10.44 2.68 2.59
N VAL A 245 -9.94 2.45 1.39
CA VAL A 245 -10.64 2.84 0.15
C VAL A 245 -12.10 2.39 0.23
N PRO A 246 -13.08 3.29 0.27
CA PRO A 246 -14.49 2.88 0.43
C PRO A 246 -14.99 1.84 -0.53
N LYS A 247 -14.64 1.96 -1.83
CA LYS A 247 -15.07 0.90 -2.75
C LYS A 247 -14.34 -0.42 -2.58
N PHE A 248 -13.34 -0.49 -1.70
CA PHE A 248 -12.81 -1.80 -1.38
C PHE A 248 -13.26 -2.32 -0.02
N VAL A 249 -13.95 -1.49 0.78
CA VAL A 249 -14.38 -2.06 2.05
C VAL A 249 -15.90 -2.12 2.17
N LEU A 250 -16.61 -1.24 1.49
CA LEU A 250 -18.10 -1.27 1.60
C LEU A 250 -18.76 -1.89 0.38
N GLN A 251 -19.53 -2.99 0.55
CA GLN A 251 -20.07 -3.64 -0.64
C GLN A 251 -20.96 -2.66 -1.44
N ALA A 252 -21.70 -1.81 -0.75
CA ALA A 252 -22.55 -0.82 -1.41
C ALA A 252 -21.77 0.16 -2.26
N ALA A 253 -20.55 0.51 -1.80
CA ALA A 253 -19.72 1.40 -2.63
C ALA A 253 -19.21 0.68 -3.85
N VAL A 254 -18.89 -0.62 -3.78
CA VAL A 254 -18.49 -1.34 -4.98
C VAL A 254 -19.63 -1.34 -6.02
N ASP A 255 -20.80 -1.60 -5.45
CA ASP A 255 -22.01 -1.72 -6.29
C ASP A 255 -22.31 -0.38 -6.95
N TRP A 256 -22.23 0.69 -6.19
CA TRP A 256 -22.44 2.04 -6.69
C TRP A 256 -21.45 2.35 -7.79
N THR A 257 -20.16 2.09 -7.56
CA THR A 257 -19.19 2.38 -8.61
C THR A 257 -19.44 1.57 -9.87
N ALA A 258 -19.86 0.32 -9.69
CA ALA A 258 -20.14 -0.51 -10.85
C ALA A 258 -21.31 0.08 -11.65
N GLU A 259 -22.34 0.55 -10.95
CA GLU A 259 -23.45 1.22 -11.64
C GLU A 259 -23.04 2.52 -12.27
N ALA A 260 -22.13 3.27 -11.64
CA ALA A 260 -21.67 4.53 -12.23
C ALA A 260 -20.94 4.24 -13.55
N ASP A 261 -20.09 3.23 -13.48
CA ASP A 261 -19.28 2.85 -14.62
C ASP A 261 -20.19 2.41 -15.78
N ASP A 262 -21.21 1.61 -15.47
CA ASP A 262 -22.16 1.17 -16.49
C ASP A 262 -22.87 2.35 -17.13
N ASN A 263 -23.27 3.30 -16.28
CA ASN A 263 -23.94 4.49 -16.77
C ASN A 263 -23.01 5.27 -17.69
N MET A 264 -21.74 5.44 -17.32
CA MET A 264 -20.80 6.09 -18.22
C MET A 264 -20.73 5.40 -19.58
N ARG A 265 -20.53 4.10 -19.61
CA ARG A 265 -20.50 3.35 -20.85
C ARG A 265 -21.82 3.45 -21.62
N ALA A 266 -22.94 3.56 -20.92
CA ALA A 266 -24.21 3.66 -21.66
C ALA A 266 -24.28 4.96 -22.43
N HIS A 267 -23.43 5.93 -22.07
CA HIS A 267 -23.40 7.19 -22.78
C HIS A 267 -22.22 7.23 -23.76
N GLY A 268 -21.63 6.07 -23.98
CA GLY A 268 -20.57 5.95 -24.99
C GLY A 268 -19.20 6.36 -24.47
N PHE A 269 -19.06 6.52 -23.15
CA PHE A 269 -17.80 6.94 -22.53
C PHE A 269 -17.06 5.78 -21.87
N HIS A 270 -15.73 5.80 -21.98
CA HIS A 270 -14.94 4.88 -21.14
C HIS A 270 -15.20 5.27 -19.70
N HIS A 271 -15.24 4.31 -18.78
CA HIS A 271 -15.54 4.61 -17.38
C HIS A 271 -14.55 5.57 -16.72
N LEU A 272 -13.31 5.58 -17.17
CA LEU A 272 -12.30 6.54 -16.71
C LEU A 272 -12.24 7.84 -17.50
N ASP A 273 -12.99 8.06 -18.57
CA ASP A 273 -13.08 9.36 -19.25
C ASP A 273 -13.27 10.51 -18.29
N SER A 274 -12.41 11.53 -18.31
CA SER A 274 -12.53 12.65 -17.39
C SER A 274 -12.86 13.97 -18.08
N SER A 275 -13.23 13.84 -19.35
CA SER A 275 -13.66 15.01 -20.10
C SER A 275 -14.87 15.67 -19.45
N PRO A 276 -15.07 16.95 -19.74
CA PRO A 276 -16.19 17.63 -19.11
C PRO A 276 -17.52 17.03 -19.56
N GLU A 277 -17.58 16.50 -20.77
CA GLU A 277 -18.79 15.84 -21.24
C GLU A 277 -19.05 14.60 -20.38
N ALA A 278 -18.03 13.75 -20.29
CA ALA A 278 -18.10 12.58 -19.41
C ALA A 278 -18.46 13.00 -17.99
N MET A 279 -17.92 14.13 -17.52
CA MET A 279 -18.15 14.59 -16.15
C MET A 279 -19.58 15.01 -15.87
N LYS A 280 -20.25 15.55 -16.90
CA LYS A 280 -21.65 15.96 -16.68
C LYS A 280 -22.52 14.71 -16.56
N VAL A 281 -22.20 13.72 -17.37
CA VAL A 281 -22.86 12.42 -17.25
C VAL A 281 -22.71 11.89 -15.83
N HIS A 282 -21.48 11.94 -15.31
CA HIS A 282 -21.36 11.32 -13.99
C HIS A 282 -22.04 12.14 -12.91
N ALA A 283 -22.00 13.46 -13.07
CA ALA A 283 -22.67 14.35 -12.16
C ALA A 283 -24.16 14.02 -12.05
N ALA A 284 -24.77 13.72 -13.19
CA ALA A 284 -26.21 13.44 -13.20
C ALA A 284 -26.49 12.12 -12.50
N PHE A 285 -25.56 11.17 -12.67
CA PHE A 285 -25.75 9.89 -11.97
C PHE A 285 -25.74 10.09 -10.46
N GLU A 286 -24.71 10.82 -10.02
CA GLU A 286 -24.53 11.03 -8.58
C GLU A 286 -25.67 11.83 -7.98
N GLU A 287 -26.27 12.70 -8.80
CA GLU A 287 -27.46 13.40 -8.29
C GLU A 287 -28.65 12.46 -8.17
N ARG A 288 -28.85 11.45 -9.02
CA ARG A 288 -29.89 10.46 -8.93
C ARG A 288 -29.64 9.49 -7.76
N VAL A 289 -28.36 9.12 -7.66
CA VAL A 289 -27.96 8.08 -6.71
C VAL A 289 -26.78 8.55 -5.88
N PRO A 290 -27.03 8.94 -4.64
CA PRO A 290 -25.92 9.41 -3.79
C PRO A 290 -24.87 8.32 -3.50
N ARG A 291 -23.61 8.74 -3.40
CA ARG A 291 -22.53 7.81 -3.07
C ARG A 291 -22.64 7.25 -1.67
N PRO A 292 -22.61 5.93 -1.47
CA PRO A 292 -22.66 5.37 -0.10
C PRO A 292 -21.37 5.72 0.65
N VAL A 293 -21.48 5.76 1.97
CA VAL A 293 -20.38 6.22 2.82
C VAL A 293 -19.97 5.10 3.77
N ALA A 294 -18.69 4.77 3.72
CA ALA A 294 -18.09 3.81 4.62
C ALA A 294 -17.75 4.51 5.93
N THR A 295 -17.52 3.71 6.95
CA THR A 295 -17.21 4.13 8.29
C THR A 295 -16.03 3.35 8.88
N VAL A 296 -15.60 3.78 10.05
CA VAL A 296 -14.58 3.04 10.82
C VAL A 296 -15.04 1.63 11.07
N SER A 297 -16.32 1.43 11.41
CA SER A 297 -16.84 0.10 11.60
C SER A 297 -16.70 -0.78 10.37
N THR A 298 -16.83 -0.21 9.17
CA THR A 298 -16.65 -0.99 7.92
C THR A 298 -15.27 -1.62 7.87
N VAL A 299 -14.28 -0.75 8.12
CA VAL A 299 -12.90 -1.22 8.12
C VAL A 299 -12.63 -2.24 9.23
N ALA A 300 -13.12 -1.99 10.44
CA ALA A 300 -12.99 -2.97 11.51
C ALA A 300 -13.58 -4.32 11.15
N ASP A 301 -14.71 -4.34 10.40
CA ASP A 301 -15.24 -5.62 9.97
C ASP A 301 -14.25 -6.41 9.12
N HIS A 302 -13.49 -5.72 8.26
CA HIS A 302 -12.45 -6.39 7.49
C HIS A 302 -11.40 -6.98 8.42
N LEU A 303 -10.93 -6.20 9.38
CA LEU A 303 -9.88 -6.67 10.25
C LEU A 303 -10.31 -7.84 11.10
N ASP A 304 -11.57 -7.82 11.54
CA ASP A 304 -12.04 -8.98 12.29
C ASP A 304 -11.95 -10.24 11.46
N HIS A 305 -12.40 -10.15 10.20
CA HIS A 305 -12.41 -11.34 9.37
C HIS A 305 -11.00 -11.77 9.03
N MET A 306 -10.16 -10.81 8.64
CA MET A 306 -8.78 -11.12 8.27
C MET A 306 -8.06 -11.75 9.45
N ARG A 307 -8.39 -11.24 10.64
CA ARG A 307 -7.80 -11.82 11.86
C ARG A 307 -8.19 -13.29 12.01
N GLU A 308 -9.46 -13.58 11.76
N GLU A 308 -9.45 -13.61 11.78
CA GLU A 308 -9.93 -14.96 11.88
CA GLU A 308 -9.93 -14.98 11.90
C GLU A 308 -9.26 -15.86 10.85
C GLU A 308 -9.30 -15.87 10.85
N VAL A 309 -9.14 -15.37 9.61
CA VAL A 309 -8.60 -16.25 8.58
C VAL A 309 -7.08 -16.28 8.56
N ALA A 310 -6.44 -15.12 8.64
CA ALA A 310 -4.97 -15.10 8.52
C ALA A 310 -4.25 -15.16 9.85
N GLY A 311 -4.87 -14.66 10.92
CA GLY A 311 -4.19 -14.63 12.21
C GLY A 311 -3.69 -13.24 12.53
N VAL A 312 -3.68 -12.89 13.82
CA VAL A 312 -3.30 -11.56 14.23
C VAL A 312 -1.87 -11.19 13.93
N ASP A 313 -0.98 -12.16 13.80
CA ASP A 313 0.41 -11.89 13.44
C ASP A 313 0.63 -11.53 11.98
N HIS A 314 -0.42 -11.53 11.18
CA HIS A 314 -0.34 -11.38 9.73
C HIS A 314 -1.16 -10.18 9.25
N LEU A 315 -1.35 -9.16 10.08
CA LEU A 315 -2.14 -7.98 9.78
C LEU A 315 -1.40 -6.67 9.99
N GLY A 316 -1.74 -5.68 9.20
CA GLY A 316 -1.25 -4.33 9.40
C GLY A 316 -2.26 -3.34 8.82
N ILE A 317 -1.79 -2.14 8.55
CA ILE A 317 -2.62 -1.03 8.10
C ILE A 317 -1.95 -0.31 6.95
N GLY A 318 -2.73 -0.07 5.90
CA GLY A 318 -2.25 0.73 4.80
C GLY A 318 -3.34 1.59 4.18
N GLY A 319 -3.41 2.84 4.62
CA GLY A 319 -4.58 3.68 4.35
C GLY A 319 -4.81 4.02 2.91
N ASP A 320 -3.77 4.06 2.09
CA ASP A 320 -3.82 4.67 0.75
C ASP A 320 -4.10 6.16 0.81
N TYR A 321 -3.72 6.84 1.88
CA TYR A 321 -3.95 8.29 1.91
C TYR A 321 -3.13 8.97 0.84
N ASP A 322 -3.52 10.09 0.31
CA ASP A 322 -3.29 10.89 -0.87
C ASP A 322 -3.23 10.07 -2.14
N GLY A 323 -3.81 8.88 -2.12
CA GLY A 323 -3.89 7.96 -3.21
C GLY A 323 -5.28 7.58 -3.68
N THR A 324 -6.24 8.14 -2.98
CA THR A 324 -7.67 7.78 -3.17
C THR A 324 -8.48 9.02 -2.83
N PRO A 325 -9.49 9.32 -3.64
CA PRO A 325 -10.21 10.58 -3.46
C PRO A 325 -11.21 10.53 -2.32
N PHE A 326 -11.74 9.36 -1.99
CA PHE A 326 -12.76 9.26 -0.96
C PHE A 326 -12.26 8.46 0.24
N THR A 327 -12.79 8.75 1.41
CA THR A 327 -12.42 8.09 2.65
C THR A 327 -13.61 7.74 3.52
N PRO A 328 -13.48 6.77 4.41
CA PRO A 328 -14.57 6.49 5.35
C PRO A 328 -14.75 7.61 6.36
N ASP A 329 -15.97 7.74 6.87
CA ASP A 329 -16.23 8.64 7.97
C ASP A 329 -15.38 8.23 9.16
N GLY A 330 -14.70 9.14 9.82
CA GLY A 330 -13.87 8.85 10.96
C GLY A 330 -12.43 8.55 10.55
N LEU A 331 -12.21 8.42 9.24
CA LEU A 331 -10.90 8.14 8.67
C LEU A 331 -10.62 9.05 7.48
N GLY A 332 -11.04 10.30 7.56
CA GLY A 332 -10.93 11.29 6.51
C GLY A 332 -9.55 11.74 6.11
N ASP A 333 -8.58 11.54 6.97
CA ASP A 333 -7.20 11.92 6.71
C ASP A 333 -6.27 11.18 7.67
N VAL A 334 -4.97 11.45 7.60
CA VAL A 334 -4.01 10.66 8.36
C VAL A 334 -4.13 10.81 9.86
N SER A 335 -4.93 11.78 10.34
CA SER A 335 -5.15 11.87 11.78
C SER A 335 -6.15 10.84 12.27
N GLY A 336 -6.77 10.01 11.42
CA GLY A 336 -7.85 9.20 11.92
C GLY A 336 -7.59 7.90 12.60
N TYR A 337 -6.36 7.38 12.55
CA TYR A 337 -6.13 6.04 13.05
C TYR A 337 -6.59 5.75 14.47
N PRO A 338 -6.43 6.63 15.43
CA PRO A 338 -6.97 6.37 16.76
C PRO A 338 -8.45 5.99 16.75
N ASN A 339 -9.29 6.51 15.84
CA ASN A 339 -10.68 6.11 15.77
C ASN A 339 -10.85 4.62 15.47
N LEU A 340 -9.99 4.11 14.58
CA LEU A 340 -10.02 2.68 14.26
C LEU A 340 -9.53 1.83 15.43
N ILE A 341 -8.45 2.25 16.06
CA ILE A 341 -7.94 1.52 17.23
C ILE A 341 -8.99 1.52 18.32
N ALA A 342 -9.63 2.64 18.57
CA ALA A 342 -10.71 2.63 19.58
C ALA A 342 -11.84 1.70 19.25
N GLU A 343 -12.28 1.63 17.99
CA GLU A 343 -13.33 0.68 17.61
C GLU A 343 -12.89 -0.75 17.89
N LEU A 344 -11.63 -1.08 17.63
CA LEU A 344 -11.14 -2.45 17.83
C LEU A 344 -11.10 -2.80 19.32
N LEU A 345 -10.68 -1.80 20.10
CA LEU A 345 -10.75 -2.00 21.56
C LEU A 345 -12.17 -2.32 22.02
N ASP A 346 -13.11 -1.58 21.43
CA ASP A 346 -14.52 -1.76 21.79
C ASP A 346 -14.98 -3.15 21.39
N ARG A 347 -14.36 -3.73 20.38
CA ARG A 347 -14.66 -5.08 19.92
C ARG A 347 -13.85 -6.12 20.68
N GLY A 348 -13.11 -5.74 21.70
CA GLY A 348 -12.31 -6.71 22.44
C GLY A 348 -10.93 -7.07 21.97
N TRP A 349 -10.34 -6.33 21.00
CA TRP A 349 -8.97 -6.62 20.62
C TRP A 349 -8.04 -6.30 21.77
N SER A 350 -7.02 -7.12 22.04
CA SER A 350 -6.15 -6.88 23.20
C SER A 350 -5.05 -5.88 22.88
N GLN A 351 -4.41 -5.37 23.93
CA GLN A 351 -3.31 -4.46 23.68
C GLN A 351 -2.21 -5.11 22.87
N SER A 352 -1.88 -6.39 23.11
CA SER A 352 -0.77 -6.97 22.32
C SER A 352 -1.25 -7.22 20.89
N ASP A 353 -2.53 -7.55 20.67
CA ASP A 353 -3.02 -7.74 19.30
C ASP A 353 -2.87 -6.45 18.50
N LEU A 354 -3.17 -5.34 19.17
CA LEU A 354 -3.12 -4.03 18.55
C LEU A 354 -1.68 -3.56 18.39
N ALA A 355 -0.76 -3.86 19.29
CA ALA A 355 0.65 -3.55 19.07
C ALA A 355 1.24 -4.29 17.88
N LYS A 356 0.77 -5.50 17.61
CA LYS A 356 1.17 -6.26 16.42
C LYS A 356 0.63 -5.63 15.14
N LEU A 357 -0.67 -5.28 15.18
CA LEU A 357 -1.37 -4.67 14.08
C LEU A 357 -0.69 -3.39 13.64
N THR A 358 -0.36 -2.54 14.62
CA THR A 358 0.18 -1.24 14.27
C THR A 358 1.68 -1.30 13.94
N TRP A 359 2.48 -1.89 14.82
CA TRP A 359 3.92 -1.80 14.76
C TRP A 359 4.62 -3.11 14.57
N LYS A 360 4.38 -4.11 15.41
CA LYS A 360 5.36 -5.21 15.45
C LYS A 360 5.33 -6.11 14.22
N ASN A 361 4.18 -6.32 13.59
CA ASN A 361 4.18 -7.26 12.47
C ASN A 361 5.02 -6.71 11.32
N ALA A 362 4.90 -5.40 11.08
CA ALA A 362 5.66 -4.74 10.01
C ALA A 362 7.15 -4.80 10.25
N VAL A 363 7.58 -4.54 11.49
CA VAL A 363 8.99 -4.65 11.82
C VAL A 363 9.47 -6.09 11.66
N ARG A 364 8.71 -7.07 12.09
CA ARG A 364 9.07 -8.47 11.92
C ARG A 364 9.28 -8.88 10.48
N VAL A 365 8.35 -8.45 9.65
CA VAL A 365 8.37 -8.81 8.24
C VAL A 365 9.58 -8.22 7.55
N LEU A 366 9.93 -6.97 7.85
CA LEU A 366 11.08 -6.37 7.18
C LEU A 366 12.35 -7.07 7.70
N ASP A 367 12.40 -7.36 9.01
CA ASP A 367 13.55 -8.10 9.52
C ASP A 367 13.71 -9.45 8.80
N ALA A 368 12.58 -10.13 8.60
CA ALA A 368 12.64 -11.43 7.92
C ALA A 368 13.16 -11.31 6.50
N ALA A 369 12.74 -10.27 5.78
CA ALA A 369 13.27 -10.07 4.45
C ALA A 369 14.76 -9.85 4.45
N GLU A 370 15.27 -9.10 5.42
CA GLU A 370 16.72 -8.93 5.57
C GLU A 370 17.44 -10.23 5.87
N ASP A 371 16.82 -11.06 6.70
CA ASP A 371 17.41 -12.34 7.07
C ASP A 371 17.48 -13.28 5.86
N VAL A 372 16.39 -13.34 5.09
CA VAL A 372 16.40 -14.17 3.88
C VAL A 372 17.47 -13.70 2.93
N SER A 373 17.54 -12.37 2.77
CA SER A 373 18.56 -11.75 1.91
C SER A 373 19.97 -12.10 2.33
N ARG A 374 20.27 -12.09 3.63
CA ARG A 374 21.62 -12.44 4.07
C ARG A 374 21.97 -13.83 3.54
N GLY A 375 21.04 -14.77 3.69
CA GLY A 375 21.35 -16.13 3.26
C GLY A 375 21.52 -16.25 1.77
N LEU A 376 20.65 -15.61 0.98
CA LEU A 376 20.73 -15.74 -0.46
C LEU A 376 21.94 -14.99 -1.02
N ARG A 377 22.30 -13.86 -0.43
CA ARG A 377 23.44 -13.11 -0.93
C ARG A 377 24.73 -13.87 -0.68
N ALA A 378 24.75 -14.61 0.41
CA ALA A 378 25.92 -15.44 0.66
C ALA A 378 25.92 -16.65 -0.27
N ALA A 379 24.75 -17.11 -0.72
CA ALA A 379 24.64 -18.36 -1.46
C ALA A 379 24.93 -18.26 -2.95
N ARG A 380 24.66 -17.10 -3.55
CA ARG A 380 24.82 -16.91 -4.99
C ARG A 380 24.97 -15.44 -5.32
N GLY A 381 25.40 -15.19 -6.56
CA GLY A 381 25.44 -13.83 -7.04
C GLY A 381 24.12 -13.36 -7.62
N PRO A 382 24.07 -12.08 -8.00
CA PRO A 382 22.83 -11.53 -8.54
C PRO A 382 22.59 -12.08 -9.95
N SER A 383 21.33 -12.08 -10.32
CA SER A 383 20.91 -12.58 -11.63
C SER A 383 21.19 -11.59 -12.75
N ASN A 384 21.64 -12.15 -13.87
CA ASN A 384 21.81 -11.36 -15.07
C ASN A 384 20.81 -11.78 -16.13
N ALA A 385 19.75 -12.46 -15.73
CA ALA A 385 18.79 -12.93 -16.73
C ALA A 385 17.99 -11.80 -17.34
N THR A 386 17.54 -12.02 -18.58
CA THR A 386 16.67 -11.08 -19.24
C THR A 386 15.31 -11.70 -19.57
N ILE A 387 14.36 -10.79 -19.84
CA ILE A 387 12.99 -11.21 -20.09
C ILE A 387 12.91 -11.99 -21.42
N GLU A 388 13.74 -11.60 -22.39
CA GLU A 388 13.80 -12.35 -23.66
C GLU A 388 14.18 -13.81 -23.49
N GLN A 389 15.14 -14.08 -22.64
CA GLN A 389 15.77 -15.30 -22.24
C GLN A 389 14.74 -16.18 -21.56
N LEU A 390 14.06 -15.60 -20.57
CA LEU A 390 13.14 -16.43 -19.79
C LEU A 390 11.73 -16.52 -20.37
N ASP A 391 11.21 -15.47 -20.98
CA ASP A 391 9.85 -15.49 -21.48
C ASP A 391 9.77 -15.67 -22.99
N GLY A 392 10.88 -15.54 -23.72
CA GLY A 392 10.88 -15.62 -25.19
C GLY A 392 11.28 -14.27 -25.78
ZN ZN B . -0.72 4.12 -4.57
ZN ZN C . -2.73 1.51 -4.98
C1 CIT D . -5.34 3.34 -7.89
O1 CIT D . -4.29 3.03 -7.38
O2 CIT D . -5.31 3.91 -9.10
C2 CIT D . -6.66 3.07 -7.24
C3 CIT D . -6.51 2.95 -5.73
O7 CIT D . -5.87 4.08 -5.15
C4 CIT D . -7.91 2.83 -5.08
C5 CIT D . -8.68 4.04 -5.55
O3 CIT D . -8.27 5.16 -5.32
O4 CIT D . -9.86 3.84 -6.14
C6 CIT D . -5.80 1.65 -5.38
O5 CIT D . -4.90 1.64 -4.59
O6 CIT D . -6.24 0.55 -6.02
C1 GOL E . -1.92 6.61 -6.94
O1 GOL E . -1.35 5.29 -6.84
C2 GOL E . -3.44 6.40 -6.76
O2 GOL E . -3.65 5.09 -6.18
C3 GOL E . -4.40 6.51 -7.75
O3 GOL E . -5.61 6.11 -7.59
#